data_9E7A
#
_entry.id   9E7A
#
_cell.length_a   68.599
_cell.length_b   78.850
_cell.length_c   118.380
_cell.angle_alpha   90.000
_cell.angle_beta   90.000
_cell.angle_gamma   90.000
#
_symmetry.space_group_name_H-M   'P 21 21 21'
#
loop_
_entity.id
_entity.type
_entity.pdbx_description
1 polymer 'Dolichyl-phosphate-mannose--protein mannosyltransferase 4'
2 polymer 'Cell wall mannoprotein CIS3'
3 non-polymer DI(HYDROXYETHYL)ETHER
4 non-polymer GLYCEROL
5 water water
#
loop_
_entity_poly.entity_id
_entity_poly.type
_entity_poly.pdbx_seq_one_letter_code
_entity_poly.pdbx_strand_id
1 'polypeptide(L)'
;PLSVDSKTVNYFDIITIKHQDTDAFLHSHLARYPQRYEDGRISSAGQQVTGYTHPDFNNQWEVLPPHGSDVGKGQAVLLN
QHIRLRHVATDTYLLAHDVASPFYPTNEEITTVTLEEGDGELYPETLFAFQPLKKSDEGHVLKSKTVSFRLFHVDTSVAL
WTHNDELLPDWGFQQQEINGNKKVIDPSNNWVVDEIVNLDEVRKVYIPKVV
;
A,B,C
2 'polypeptide(L)' SSSASKTSTNATSSSCATPS D,E,F
#
loop_
_chem_comp.id
_chem_comp.type
_chem_comp.name
_chem_comp.formula
GOL non-polymer GLYCEROL 'C3 H8 O3'
PEG non-polymer DI(HYDROXYETHYL)ETHER 'C4 H10 O3'
#
# COMPACT_ATOMS: atom_id res chain seq x y z
N ASP A 5 9.50 14.92 25.44
CA ASP A 5 9.13 14.32 26.72
C ASP A 5 9.07 12.79 26.64
N SER A 6 9.87 12.17 27.49
CA SER A 6 10.00 10.71 27.51
C SER A 6 8.72 10.01 27.95
N LYS A 7 8.31 9.00 27.18
CA LYS A 7 7.06 8.30 27.43
C LYS A 7 7.30 6.81 27.20
N THR A 8 6.50 5.98 27.85
CA THR A 8 6.71 4.54 27.77
C THR A 8 6.17 3.97 26.46
N VAL A 9 6.96 3.11 25.83
CA VAL A 9 6.56 2.47 24.58
C VAL A 9 5.82 1.18 24.92
N ASN A 10 4.57 1.09 24.42
CA ASN A 10 3.74 -0.09 24.63
C ASN A 10 3.58 -0.88 23.33
N TYR A 11 3.35 -2.18 23.46
CA TYR A 11 2.99 -2.97 22.29
C TYR A 11 1.79 -2.32 21.61
N PHE A 12 1.80 -2.33 20.26
CA PHE A 12 0.82 -1.75 19.34
C PHE A 12 0.93 -0.24 19.28
N ASP A 13 1.91 0.37 19.93
CA ASP A 13 2.20 1.77 19.63
C ASP A 13 2.82 1.89 18.24
N ILE A 14 2.67 3.06 17.66
CA ILE A 14 3.37 3.43 16.44
C ILE A 14 4.50 4.37 16.82
N ILE A 15 5.71 4.09 16.33
CA ILE A 15 6.90 4.83 16.74
C ILE A 15 7.73 5.20 15.52
N THR A 16 8.58 6.20 15.72
CA THR A 16 9.69 6.54 14.84
C THR A 16 10.96 6.25 15.61
N ILE A 17 11.99 5.82 14.85
CA ILE A 17 13.23 5.28 15.38
C ILE A 17 14.38 6.04 14.73
N LYS A 18 15.23 6.67 15.53
CA LYS A 18 16.18 7.64 15.03
C LYS A 18 17.59 7.21 15.40
N HIS A 19 18.48 7.27 14.42
CA HIS A 19 19.86 6.86 14.59
C HIS A 19 20.64 7.95 15.31
N GLN A 20 21.42 7.57 16.31
CA GLN A 20 22.08 8.58 17.12
C GLN A 20 23.14 9.36 16.32
N ASP A 21 23.98 8.68 15.52
CA ASP A 21 25.11 9.39 14.92
C ASP A 21 24.73 10.22 13.70
N THR A 22 23.72 9.81 12.92
CA THR A 22 23.36 10.54 11.71
C THR A 22 22.03 11.28 11.83
N ASP A 23 21.25 11.06 12.88
CA ASP A 23 19.91 11.63 13.05
C ASP A 23 18.91 11.14 12.00
N ALA A 24 19.21 10.07 11.27
CA ALA A 24 18.30 9.57 10.25
C ALA A 24 17.23 8.70 10.90
N PHE A 25 16.01 8.72 10.33
CA PHE A 25 14.93 7.86 10.77
C PHE A 25 14.93 6.53 10.01
N LEU A 26 14.60 5.46 10.73
CA LEU A 26 14.37 4.19 10.07
C LEU A 26 13.14 4.33 9.15
N HIS A 27 13.31 4.04 7.86
CA HIS A 27 12.39 4.46 6.82
C HIS A 27 12.23 3.33 5.81
N SER A 28 11.06 3.30 5.17
CA SER A 28 10.85 2.38 4.07
C SER A 28 9.86 3.00 3.12
N HIS A 29 9.73 2.38 1.98
CA HIS A 29 8.91 2.88 0.90
C HIS A 29 8.80 1.75 -0.14
N LEU A 30 8.01 2.00 -1.20
CA LEU A 30 7.75 0.91 -2.14
C LEU A 30 8.94 0.56 -3.03
N ALA A 31 9.90 1.46 -3.21
CA ALA A 31 11.03 1.13 -4.07
C ALA A 31 11.80 -0.09 -3.57
N ARG A 32 12.40 -0.81 -4.51
CA ARG A 32 13.05 -2.09 -4.31
C ARG A 32 14.56 -1.99 -4.53
N TYR A 33 15.29 -2.92 -3.90
CA TYR A 33 16.70 -3.05 -4.20
C TYR A 33 16.87 -3.50 -5.64
N PRO A 34 17.87 -3.03 -6.34
CA PRO A 34 18.14 -3.56 -7.68
C PRO A 34 18.42 -5.04 -7.63
N GLN A 35 18.01 -5.75 -8.69
CA GLN A 35 18.24 -7.18 -8.69
C GLN A 35 19.71 -7.49 -8.45
N ARG A 36 20.60 -6.70 -9.06
CA ARG A 36 22.04 -6.87 -8.90
C ARG A 36 22.72 -5.51 -8.68
N TYR A 37 23.78 -5.52 -7.88
CA TYR A 37 24.60 -4.33 -7.65
C TYR A 37 25.68 -4.25 -8.72
N GLU A 38 26.36 -3.09 -8.79
CA GLU A 38 27.29 -2.86 -9.89
C GLU A 38 28.38 -3.92 -9.92
N ASP A 39 28.78 -4.44 -8.75
CA ASP A 39 29.83 -5.47 -8.74
C ASP A 39 29.28 -6.86 -9.06
N GLY A 40 28.02 -6.97 -9.39
CA GLY A 40 27.47 -8.24 -9.81
C GLY A 40 26.77 -9.04 -8.75
N ARG A 41 26.91 -8.65 -7.47
CA ARG A 41 26.17 -9.32 -6.40
C ARG A 41 24.67 -9.24 -6.64
N ILE A 42 23.97 -10.24 -6.13
CA ILE A 42 22.53 -10.37 -6.28
C ILE A 42 21.85 -10.05 -4.96
N SER A 43 20.87 -9.16 -5.00
CA SER A 43 20.11 -8.82 -3.81
C SER A 43 18.86 -9.71 -3.73
N SER A 44 18.06 -9.50 -2.71
CA SER A 44 16.78 -10.18 -2.65
C SER A 44 15.75 -9.55 -3.57
N ALA A 45 16.05 -8.39 -4.16
CA ALA A 45 15.12 -7.58 -4.93
C ALA A 45 13.93 -7.14 -4.06
N GLY A 46 14.12 -7.12 -2.75
CA GLY A 46 13.05 -6.80 -1.83
C GLY A 46 12.86 -5.32 -1.64
N GLN A 47 11.86 -4.99 -0.81
CA GLN A 47 11.58 -3.59 -0.50
C GLN A 47 12.76 -2.96 0.22
N GLN A 48 13.10 -1.74 -0.18
CA GLN A 48 14.19 -1.01 0.45
C GLN A 48 13.83 -0.60 1.88
N VAL A 49 14.85 -0.61 2.75
CA VAL A 49 14.81 0.07 4.05
C VAL A 49 15.99 1.02 4.07
N THR A 50 15.73 2.29 4.45
CA THR A 50 16.74 3.33 4.32
C THR A 50 16.74 4.19 5.57
N GLY A 51 17.73 5.08 5.65
CA GLY A 51 17.73 6.16 6.64
C GLY A 51 17.35 7.47 5.98
N TYR A 52 16.36 8.14 6.57
CA TYR A 52 15.71 9.33 6.03
C TYR A 52 15.76 10.41 7.09
N THR A 53 16.33 11.56 6.73
CA THR A 53 16.58 12.64 7.68
C THR A 53 15.39 13.58 7.92
N HIS A 54 14.27 13.42 7.23
CA HIS A 54 13.13 14.32 7.36
C HIS A 54 11.95 13.62 8.01
N PRO A 55 11.13 14.32 8.79
CA PRO A 55 9.91 13.71 9.30
C PRO A 55 9.03 13.25 8.14
N ASP A 56 8.38 12.12 8.33
CA ASP A 56 7.60 11.57 7.22
C ASP A 56 6.73 10.42 7.72
N PHE A 57 5.55 10.27 7.10
CA PHE A 57 4.65 9.16 7.41
C PHE A 57 5.37 7.83 7.24
N ASN A 58 6.30 7.75 6.27
CA ASN A 58 7.01 6.50 5.99
C ASN A 58 8.13 6.20 7.00
N ASN A 59 8.27 7.04 8.04
CA ASN A 59 9.15 6.68 9.15
C ASN A 59 8.44 5.88 10.23
N GLN A 60 7.15 5.62 10.08
CA GLN A 60 6.35 5.07 11.16
C GLN A 60 6.34 3.56 11.15
N TRP A 61 6.53 2.97 12.36
CA TRP A 61 6.54 1.54 12.56
C TRP A 61 5.63 1.18 13.71
N GLU A 62 4.88 0.10 13.55
CA GLU A 62 4.09 -0.44 14.65
C GLU A 62 4.86 -1.53 15.40
N VAL A 63 4.97 -1.38 16.71
CA VAL A 63 5.66 -2.38 17.50
C VAL A 63 4.71 -3.52 17.84
N LEU A 64 5.10 -4.76 17.49
CA LEU A 64 4.22 -5.90 17.67
C LEU A 64 4.88 -6.99 18.48
N PRO A 65 4.09 -7.80 19.19
CA PRO A 65 4.64 -8.93 19.93
C PRO A 65 4.87 -10.15 19.04
N PRO A 66 5.60 -11.14 19.54
CA PRO A 66 5.74 -12.39 18.78
C PRO A 66 4.43 -13.19 18.69
N HIS A 67 4.42 -14.13 17.74
CA HIS A 67 3.29 -15.05 17.62
C HIS A 67 3.08 -15.74 18.96
N GLY A 68 1.82 -15.95 19.32
CA GLY A 68 1.49 -16.68 20.53
C GLY A 68 1.75 -15.96 21.84
N SER A 69 1.87 -14.63 21.81
CA SER A 69 2.19 -13.86 23.00
C SER A 69 0.95 -13.57 23.83
N ASP A 70 -0.18 -13.28 23.20
CA ASP A 70 -1.41 -12.86 23.88
C ASP A 70 -1.28 -11.50 24.56
N VAL A 71 -0.30 -10.72 24.16
CA VAL A 71 -0.13 -9.39 24.70
C VAL A 71 -1.21 -8.49 24.13
N GLY A 72 -1.66 -7.56 24.95
CA GLY A 72 -2.68 -6.64 24.49
C GLY A 72 -2.28 -5.21 24.68
N LYS A 73 -3.25 -4.29 24.79
CA LYS A 73 -2.95 -2.88 24.95
C LYS A 73 -2.41 -2.59 26.34
N GLY A 74 -1.63 -1.52 26.43
CA GLY A 74 -1.19 -1.10 27.75
C GLY A 74 -0.12 -1.96 28.37
N GLN A 75 0.60 -2.73 27.58
CA GLN A 75 1.69 -3.53 28.13
C GLN A 75 2.99 -2.98 27.57
N ALA A 76 3.92 -2.68 28.45
CA ALA A 76 5.16 -2.01 28.06
C ALA A 76 6.07 -2.96 27.32
N VAL A 77 6.76 -2.45 26.30
CA VAL A 77 7.86 -3.16 25.64
C VAL A 77 9.04 -3.07 26.57
N LEU A 78 9.66 -4.22 26.86
CA LEU A 78 10.85 -4.28 27.70
C LEU A 78 12.09 -4.53 26.87
N LEU A 79 13.22 -3.97 27.33
CA LEU A 79 14.48 -4.17 26.66
C LEU A 79 14.82 -5.65 26.61
N ASN A 80 15.24 -6.09 25.42
CA ASN A 80 15.62 -7.43 25.07
C ASN A 80 14.45 -8.41 24.91
N GLN A 81 13.19 -8.00 25.11
CA GLN A 81 12.08 -8.83 24.66
C GLN A 81 12.09 -8.93 23.13
N HIS A 82 11.60 -10.06 22.60
CA HIS A 82 11.47 -10.20 21.15
C HIS A 82 10.28 -9.41 20.64
N ILE A 83 10.48 -8.64 19.55
CA ILE A 83 9.45 -7.77 19.01
C ILE A 83 9.48 -7.91 17.50
N ARG A 84 8.43 -7.42 16.88
CA ARG A 84 8.36 -7.29 15.43
C ARG A 84 7.98 -5.87 15.08
N LEU A 85 8.35 -5.43 13.88
CA LEU A 85 8.05 -4.07 13.47
C LEU A 85 7.34 -4.08 12.12
N ARG A 86 6.14 -3.57 12.11
CA ARG A 86 5.35 -3.51 10.89
C ARG A 86 5.42 -2.08 10.37
N HIS A 87 5.86 -1.92 9.12
CA HIS A 87 5.86 -0.61 8.49
C HIS A 87 4.45 -0.13 8.20
N VAL A 88 4.09 1.02 8.75
CA VAL A 88 2.69 1.45 8.70
C VAL A 88 2.29 1.79 7.27
N ALA A 89 3.11 2.54 6.56
CA ALA A 89 2.66 3.08 5.27
C ALA A 89 2.50 2.02 4.18
N THR A 90 3.33 0.98 4.18
CA THR A 90 3.28 -0.09 3.19
C THR A 90 2.73 -1.42 3.73
N ASP A 91 2.50 -1.54 5.05
CA ASP A 91 1.91 -2.75 5.66
C ASP A 91 2.76 -4.01 5.43
N THR A 92 4.04 -3.92 5.82
CA THR A 92 4.99 -5.01 5.66
C THR A 92 5.81 -5.15 6.93
N TYR A 93 6.45 -6.31 7.11
CA TYR A 93 7.23 -6.58 8.31
C TYR A 93 8.72 -6.39 8.03
N LEU A 94 9.41 -5.73 8.98
CA LEU A 94 10.84 -5.62 8.89
C LEU A 94 11.47 -7.01 8.98
N LEU A 95 12.55 -7.20 8.21
CA LEU A 95 13.23 -8.49 8.13
C LEU A 95 14.69 -8.30 7.77
N ALA A 96 15.53 -9.16 8.33
CA ALA A 96 16.93 -9.23 7.99
C ALA A 96 17.22 -10.68 7.61
N HIS A 97 18.26 -10.85 6.81
CA HIS A 97 18.66 -12.19 6.38
C HIS A 97 20.05 -12.15 5.77
N ASP A 98 20.63 -13.34 5.62
CA ASP A 98 22.02 -13.49 5.18
C ASP A 98 22.10 -13.27 3.66
N VAL A 99 21.92 -12.01 3.27
CA VAL A 99 22.09 -11.52 1.91
C VAL A 99 22.96 -10.27 2.00
N ALA A 100 23.97 -10.18 1.16
CA ALA A 100 24.88 -9.04 1.25
C ALA A 100 24.14 -7.73 0.94
N SER A 101 24.43 -6.70 1.74
CA SER A 101 23.78 -5.39 1.64
C SER A 101 24.29 -4.58 0.45
N PRO A 102 23.64 -3.44 0.16
CA PRO A 102 24.08 -2.64 -0.99
C PRO A 102 25.55 -2.26 -1.04
N PHE A 103 26.10 -1.72 0.05
CA PHE A 103 27.46 -1.19 0.03
C PHE A 103 28.47 -2.04 0.80
N TYR A 104 28.01 -2.98 1.63
CA TYR A 104 28.90 -3.75 2.49
C TYR A 104 28.67 -5.23 2.30
N PRO A 105 29.52 -5.91 1.47
CA PRO A 105 29.37 -7.36 1.27
C PRO A 105 29.39 -8.18 2.56
N THR A 106 29.99 -7.66 3.63
CA THR A 106 29.99 -8.42 4.87
C THR A 106 28.77 -8.16 5.73
N ASN A 107 27.96 -7.16 5.41
CA ASN A 107 26.80 -6.81 6.21
C ASN A 107 25.53 -7.28 5.53
N GLU A 108 24.50 -7.46 6.35
CA GLU A 108 23.27 -8.08 5.86
C GLU A 108 22.28 -7.08 5.31
N GLU A 109 21.56 -7.52 4.29
CA GLU A 109 20.47 -6.71 3.74
C GLU A 109 19.31 -6.64 4.72
N ILE A 110 18.75 -5.45 4.85
CA ILE A 110 17.56 -5.21 5.66
C ILE A 110 16.43 -4.88 4.69
N THR A 111 15.29 -5.56 4.85
CA THR A 111 14.17 -5.37 3.93
C THR A 111 12.86 -5.42 4.72
N THR A 112 11.74 -5.35 4.00
CA THR A 112 10.44 -5.71 4.57
C THR A 112 9.79 -6.79 3.71
N VAL A 113 8.88 -7.59 4.29
CA VAL A 113 8.19 -8.63 3.55
C VAL A 113 6.68 -8.54 3.80
N THR A 114 5.93 -9.16 2.91
CA THR A 114 4.49 -9.09 3.04
C THR A 114 4.02 -9.78 4.33
N LEU A 115 2.81 -9.42 4.77
CA LEU A 115 2.29 -10.01 6.00
C LEU A 115 2.22 -11.52 5.88
N GLU A 116 1.82 -12.01 4.72
CA GLU A 116 1.68 -13.45 4.57
C GLU A 116 3.01 -14.16 4.68
N GLU A 117 4.06 -13.63 4.05
CA GLU A 117 5.37 -14.28 4.19
C GLU A 117 5.87 -14.14 5.63
N GLY A 118 5.73 -12.94 6.20
CA GLY A 118 6.33 -12.70 7.51
C GLY A 118 5.63 -13.47 8.61
N ASP A 119 4.36 -13.80 8.41
CA ASP A 119 3.66 -14.65 9.36
C ASP A 119 3.71 -16.12 8.99
N GLY A 120 4.28 -16.45 7.83
CA GLY A 120 4.50 -17.82 7.40
C GLY A 120 5.95 -18.24 7.49
N GLU A 121 6.48 -18.74 6.37
CA GLU A 121 7.79 -19.38 6.36
C GLU A 121 8.91 -18.44 6.82
N LEU A 122 8.75 -17.13 6.66
CA LEU A 122 9.81 -16.21 7.06
C LEU A 122 9.64 -15.65 8.48
N TYR A 123 8.62 -16.08 9.21
CA TYR A 123 8.36 -15.52 10.54
C TYR A 123 9.62 -15.42 11.41
N PRO A 124 10.45 -16.45 11.54
CA PRO A 124 11.60 -16.33 12.46
C PRO A 124 12.52 -15.16 12.13
N GLU A 125 12.56 -14.74 10.87
CA GLU A 125 13.45 -13.65 10.45
C GLU A 125 12.87 -12.26 10.70
N THR A 126 11.64 -12.18 11.19
CA THR A 126 11.00 -10.90 11.51
C THR A 126 11.14 -10.50 12.98
N LEU A 127 11.87 -11.28 13.75
CA LEU A 127 12.02 -11.04 15.17
C LEU A 127 13.28 -10.24 15.46
N PHE A 128 13.09 -9.13 16.19
CA PHE A 128 14.12 -8.20 16.58
C PHE A 128 14.03 -8.03 18.10
N ALA A 129 14.97 -7.27 18.64
CA ALA A 129 14.92 -6.91 20.05
C ALA A 129 15.47 -5.51 20.19
N PHE A 130 14.89 -4.72 21.12
CA PHE A 130 15.48 -3.46 21.53
C PHE A 130 16.58 -3.86 22.52
N GLN A 131 17.79 -4.06 22.05
CA GLN A 131 18.85 -4.60 22.93
C GLN A 131 19.44 -3.46 23.76
N PRO A 132 19.48 -3.55 25.07
CA PRO A 132 20.05 -2.46 25.87
C PRO A 132 21.55 -2.33 25.67
N LEU A 133 22.05 -1.11 25.83
CA LEU A 133 23.49 -0.89 25.76
C LEU A 133 24.20 -1.61 26.88
N LYS A 134 23.60 -1.64 28.06
CA LYS A 134 24.10 -2.37 29.22
C LYS A 134 23.24 -3.61 29.47
N LYS A 135 23.86 -4.78 29.60
CA LYS A 135 23.08 -5.97 29.92
C LYS A 135 22.30 -5.81 31.23
N SER A 136 22.77 -4.97 32.15
CA SER A 136 22.02 -4.82 33.40
C SER A 136 20.68 -4.09 33.22
N ASP A 137 20.43 -3.50 32.05
CA ASP A 137 19.15 -2.87 31.74
C ASP A 137 18.18 -3.82 31.03
N GLU A 138 18.54 -5.08 30.83
CA GLU A 138 17.60 -6.10 30.39
C GLU A 138 16.33 -6.07 31.24
N GLY A 139 15.18 -6.12 30.59
CA GLY A 139 13.92 -6.15 31.32
C GLY A 139 13.40 -4.80 31.75
N HIS A 140 14.12 -3.72 31.52
CA HIS A 140 13.62 -2.39 31.82
C HIS A 140 12.68 -1.89 30.75
N VAL A 141 11.77 -1.02 31.14
CA VAL A 141 10.77 -0.51 30.22
C VAL A 141 11.43 0.38 29.18
N LEU A 142 11.00 0.22 27.94
CA LEU A 142 11.44 1.10 26.86
C LEU A 142 10.75 2.45 26.91
N LYS A 143 11.55 3.52 26.87
CA LYS A 143 11.02 4.86 26.91
C LYS A 143 11.43 5.61 25.65
N SER A 144 10.59 6.53 25.18
CA SER A 144 10.99 7.36 24.06
C SER A 144 12.12 8.31 24.50
N LYS A 145 13.03 8.60 23.56
CA LYS A 145 14.04 9.65 23.68
C LYS A 145 15.20 9.39 24.61
N THR A 146 14.96 8.79 25.77
CA THR A 146 15.99 8.75 26.81
C THR A 146 16.66 7.39 26.92
N VAL A 147 16.18 6.38 26.22
CA VAL A 147 16.73 5.04 26.28
C VAL A 147 17.33 4.74 24.90
N SER A 148 18.64 4.53 24.88
CA SER A 148 19.32 4.13 23.66
C SER A 148 19.38 2.63 23.59
N PHE A 149 19.37 2.12 22.36
CA PHE A 149 19.39 0.70 22.13
C PHE A 149 20.06 0.38 20.79
N ARG A 150 20.36 -0.88 20.64
CA ARG A 150 20.64 -1.45 19.35
C ARG A 150 19.42 -2.27 18.90
N LEU A 151 19.14 -2.19 17.62
CA LEU A 151 18.03 -2.93 17.04
C LEU A 151 18.63 -4.25 16.56
N PHE A 152 18.41 -5.29 17.36
CA PHE A 152 19.12 -6.56 17.21
C PHE A 152 18.24 -7.59 16.51
N HIS A 153 18.78 -8.21 15.47
CA HIS A 153 18.07 -9.23 14.72
C HIS A 153 18.31 -10.59 15.37
N VAL A 154 17.23 -11.23 15.83
CA VAL A 154 17.38 -12.47 16.59
C VAL A 154 18.01 -13.59 15.77
N ASP A 155 17.56 -13.78 14.52
CA ASP A 155 17.92 -14.99 13.77
C ASP A 155 19.36 -14.95 13.28
N THR A 156 19.91 -13.77 12.97
CA THR A 156 21.29 -13.69 12.49
C THR A 156 22.25 -12.92 13.38
N SER A 157 21.80 -12.35 14.49
CA SER A 157 22.69 -11.69 15.45
C SER A 157 23.44 -10.51 14.82
N VAL A 158 22.71 -9.70 14.10
CA VAL A 158 23.24 -8.43 13.61
C VAL A 158 22.48 -7.30 14.30
N ALA A 159 23.07 -6.11 14.25
CA ALA A 159 22.43 -4.89 14.72
C ALA A 159 22.27 -3.94 13.54
N LEU A 160 21.14 -3.27 13.47
CA LEU A 160 20.94 -2.35 12.36
C LEU A 160 21.87 -1.14 12.45
N TRP A 161 22.43 -0.74 11.32
CA TRP A 161 23.49 0.27 11.22
C TRP A 161 23.20 1.14 10.01
N THR A 162 23.61 2.40 10.10
CA THR A 162 23.52 3.31 8.96
C THR A 162 24.70 4.27 9.02
N HIS A 163 24.85 5.06 7.97
CA HIS A 163 25.97 5.97 7.85
C HIS A 163 25.57 7.03 6.82
N ASN A 164 26.28 8.16 6.84
CA ASN A 164 25.98 9.22 5.87
C ASN A 164 27.21 9.73 5.14
N ASP A 165 28.32 8.99 5.18
CA ASP A 165 29.48 9.41 4.39
C ASP A 165 29.26 9.12 2.91
N GLU A 166 28.50 8.09 2.58
CA GLU A 166 28.09 7.82 1.21
C GLU A 166 26.64 7.39 1.27
N LEU A 167 25.85 7.89 0.33
CA LEU A 167 24.41 7.68 0.30
C LEU A 167 24.05 6.73 -0.82
N LEU A 168 22.86 6.18 -0.72
CA LEU A 168 22.39 5.29 -1.74
C LEU A 168 22.32 6.06 -3.06
N PRO A 169 22.42 5.36 -4.18
CA PRO A 169 22.32 6.02 -5.49
C PRO A 169 20.93 6.57 -5.78
N ASP A 170 20.72 6.98 -7.04
CA ASP A 170 19.43 7.56 -7.39
C ASP A 170 18.30 6.58 -7.16
N TRP A 171 18.54 5.28 -7.30
CA TRP A 171 17.47 4.31 -7.08
C TRP A 171 17.04 4.26 -5.61
N GLY A 172 17.86 4.75 -4.70
CA GLY A 172 17.46 4.92 -3.31
C GLY A 172 17.21 6.35 -2.92
N PHE A 173 17.04 7.24 -3.91
CA PHE A 173 16.72 8.64 -3.66
C PHE A 173 17.73 9.34 -2.77
N GLN A 174 18.98 8.91 -2.82
CA GLN A 174 20.06 9.53 -2.06
C GLN A 174 19.76 9.49 -0.56
N GLN A 175 19.05 8.45 -0.10
CA GLN A 175 18.82 8.20 1.31
C GLN A 175 19.96 7.36 1.86
N GLN A 176 19.98 7.19 3.17
CA GLN A 176 21.07 6.44 3.78
C GLN A 176 20.84 4.94 3.68
N GLU A 177 21.93 4.23 3.39
CA GLU A 177 21.92 2.77 3.48
C GLU A 177 21.69 2.32 4.93
N ILE A 178 20.85 1.31 5.10
CA ILE A 178 20.68 0.57 6.35
C ILE A 178 21.18 -0.85 6.10
N ASN A 179 21.96 -1.40 7.01
CA ASN A 179 22.33 -2.80 6.84
C ASN A 179 22.55 -3.39 8.22
N GLY A 180 22.67 -4.73 8.25
CA GLY A 180 22.94 -5.47 9.46
C GLY A 180 24.41 -5.62 9.74
N ASN A 181 24.87 -4.99 10.81
CA ASN A 181 26.26 -4.95 11.22
C ASN A 181 26.53 -6.17 12.10
N LYS A 182 27.50 -6.97 11.70
CA LYS A 182 27.83 -8.14 12.51
C LYS A 182 28.61 -7.76 13.74
N LYS A 183 29.20 -6.56 13.79
CA LYS A 183 29.84 -6.06 15.00
C LYS A 183 28.77 -5.34 15.81
N VAL A 184 28.20 -6.04 16.80
CA VAL A 184 26.97 -5.58 17.43
C VAL A 184 27.22 -4.50 18.47
N ILE A 185 28.26 -4.68 19.28
CA ILE A 185 28.56 -3.78 20.38
C ILE A 185 29.41 -2.66 19.82
N ASP A 186 28.77 -1.59 19.37
CA ASP A 186 29.45 -0.48 18.72
C ASP A 186 28.48 0.69 18.70
N PRO A 187 28.89 1.87 19.17
CA PRO A 187 27.94 2.99 19.28
C PRO A 187 27.38 3.42 17.97
N SER A 188 28.02 3.14 16.84
CA SER A 188 27.35 3.51 15.58
C SER A 188 26.12 2.66 15.31
N ASN A 189 25.81 1.70 16.16
CA ASN A 189 24.59 0.92 16.07
C ASN A 189 23.49 1.45 16.99
N ASN A 190 23.66 2.64 17.56
CA ASN A 190 22.74 3.13 18.60
C ASN A 190 21.57 3.86 17.94
N TRP A 191 20.37 3.53 18.40
CA TRP A 191 19.16 4.23 18.02
C TRP A 191 18.37 4.60 19.27
N VAL A 192 17.38 5.49 19.08
CA VAL A 192 16.41 5.79 20.12
C VAL A 192 15.02 5.77 19.48
N VAL A 193 13.99 5.61 20.30
CA VAL A 193 12.64 5.92 19.83
C VAL A 193 12.46 7.43 19.93
N ASP A 194 12.24 8.07 18.79
CA ASP A 194 12.15 9.52 18.77
C ASP A 194 10.77 10.00 19.23
N GLU A 195 9.72 9.33 18.79
CA GLU A 195 8.35 9.74 19.10
C GLU A 195 7.45 8.53 19.19
N ILE A 196 6.42 8.67 20.01
CA ILE A 196 5.27 7.78 19.96
C ILE A 196 4.18 8.57 19.23
N VAL A 197 3.70 8.04 18.12
CA VAL A 197 2.82 8.81 17.24
C VAL A 197 1.39 8.75 17.77
N SER B 6 2.23 -28.76 -4.32
CA SER B 6 2.19 -28.86 -5.78
C SER B 6 1.00 -29.70 -6.23
N LYS B 7 0.10 -29.09 -7.00
CA LYS B 7 -1.14 -29.74 -7.39
C LYS B 7 -1.41 -29.36 -8.84
N THR B 8 -2.21 -30.17 -9.51
CA THR B 8 -2.49 -29.95 -10.90
C THR B 8 -3.45 -28.79 -11.10
N VAL B 9 -3.16 -27.97 -12.11
CA VAL B 9 -4.03 -26.88 -12.53
C VAL B 9 -5.00 -27.44 -13.57
N ASN B 10 -6.30 -27.37 -13.28
CA ASN B 10 -7.36 -27.86 -14.15
C ASN B 10 -8.09 -26.68 -14.77
N TYR B 11 -8.66 -26.91 -15.94
CA TYR B 11 -9.52 -25.90 -16.53
C TYR B 11 -10.63 -25.51 -15.55
N PHE B 12 -10.93 -24.22 -15.52
CA PHE B 12 -11.88 -23.55 -14.64
C PHE B 12 -11.39 -23.44 -13.21
N ASP B 13 -10.17 -23.86 -12.91
CA ASP B 13 -9.58 -23.53 -11.61
C ASP B 13 -9.31 -22.04 -11.56
N ILE B 14 -9.27 -21.48 -10.36
CA ILE B 14 -8.88 -20.10 -10.14
C ILE B 14 -7.47 -20.13 -9.59
N ILE B 15 -6.59 -19.34 -10.19
CA ILE B 15 -5.17 -19.40 -9.86
C ILE B 15 -4.64 -17.99 -9.64
N THR B 16 -3.50 -17.94 -8.99
CA THR B 16 -2.65 -16.77 -8.94
C THR B 16 -1.34 -17.13 -9.64
N ILE B 17 -0.74 -16.13 -10.29
CA ILE B 17 0.38 -16.32 -11.20
C ILE B 17 1.48 -15.36 -10.78
N LYS B 18 2.65 -15.91 -10.46
CA LYS B 18 3.67 -15.17 -9.71
C LYS B 18 4.95 -15.11 -10.52
N HIS B 19 5.52 -13.92 -10.63
CA HIS B 19 6.73 -13.68 -11.39
C HIS B 19 7.95 -14.14 -10.62
N GLN B 20 8.85 -14.87 -11.28
CA GLN B 20 9.98 -15.46 -10.54
C GLN B 20 10.97 -14.40 -10.09
N ASP B 21 11.30 -13.44 -10.94
CA ASP B 21 12.37 -12.53 -10.56
C ASP B 21 11.92 -11.46 -9.55
N THR B 22 10.67 -11.01 -9.62
CA THR B 22 10.21 -9.93 -8.75
C THR B 22 9.22 -10.35 -7.67
N ASP B 23 8.72 -11.57 -7.73
CA ASP B 23 7.70 -12.06 -6.81
C ASP B 23 6.36 -11.38 -6.95
N ALA B 24 6.14 -10.62 -8.02
CA ALA B 24 4.88 -9.89 -8.20
C ALA B 24 3.82 -10.80 -8.77
N PHE B 25 2.56 -10.61 -8.34
CA PHE B 25 1.44 -11.38 -8.85
C PHE B 25 0.77 -10.67 -10.04
N LEU B 26 0.33 -11.43 -11.04
CA LEU B 26 -0.45 -10.82 -12.11
C LEU B 26 -1.79 -10.30 -11.56
N HIS B 27 -2.06 -9.00 -11.75
CA HIS B 27 -3.08 -8.28 -10.97
C HIS B 27 -3.86 -7.38 -11.89
N SER B 28 -5.12 -7.12 -11.50
CA SER B 28 -5.91 -6.14 -12.22
C SER B 28 -6.89 -5.49 -11.27
N HIS B 29 -7.49 -4.39 -11.75
CA HIS B 29 -8.44 -3.59 -10.97
C HIS B 29 -9.11 -2.64 -11.97
N LEU B 30 -10.13 -1.92 -11.52
CA LEU B 30 -10.93 -1.14 -12.46
C LEU B 30 -10.21 0.09 -13.02
N ALA B 31 -9.12 0.53 -12.42
CA ALA B 31 -8.43 1.72 -12.91
C ALA B 31 -7.95 1.51 -14.36
N ARG B 32 -7.87 2.61 -15.10
CA ARG B 32 -7.54 2.57 -16.51
C ARG B 32 -6.19 3.26 -16.77
N TYR B 33 -5.56 2.89 -17.89
CA TYR B 33 -4.37 3.59 -18.32
C TYR B 33 -4.73 5.03 -18.69
N PRO B 34 -3.88 6.00 -18.38
CA PRO B 34 -4.13 7.37 -18.85
C PRO B 34 -4.13 7.39 -20.36
N GLN B 35 -4.95 8.28 -20.91
CA GLN B 35 -5.06 8.42 -22.36
C GLN B 35 -3.70 8.76 -22.99
N ARG B 36 -2.91 9.58 -22.34
CA ARG B 36 -1.60 9.96 -22.86
C ARG B 36 -0.57 9.82 -21.77
N TYR B 37 0.61 9.32 -22.14
CA TYR B 37 1.74 9.24 -21.25
C TYR B 37 2.56 10.52 -21.35
N GLU B 38 3.48 10.69 -20.39
CA GLU B 38 4.23 11.94 -20.31
C GLU B 38 5.04 12.19 -21.58
N ASP B 39 5.53 11.13 -22.22
CA ASP B 39 6.28 11.29 -23.45
C ASP B 39 5.38 11.47 -24.67
N GLY B 40 4.07 11.59 -24.47
CA GLY B 40 3.14 11.87 -25.55
C GLY B 40 2.51 10.67 -26.23
N ARG B 41 3.03 9.46 -26.01
CA ARG B 41 2.38 8.28 -26.60
C ARG B 41 0.96 8.14 -26.08
N ILE B 42 0.12 7.51 -26.90
CA ILE B 42 -1.28 7.32 -26.60
C ILE B 42 -1.49 5.86 -26.28
N SER B 43 -2.13 5.60 -25.15
CA SER B 43 -2.48 4.26 -24.75
C SER B 43 -3.84 3.92 -25.31
N SER B 44 -4.34 2.71 -25.01
CA SER B 44 -5.69 2.31 -25.33
C SER B 44 -6.73 2.83 -24.34
N ALA B 45 -6.28 3.44 -23.25
CA ALA B 45 -7.14 3.84 -22.15
C ALA B 45 -7.88 2.65 -21.54
N GLY B 46 -7.38 1.43 -21.75
CA GLY B 46 -8.03 0.25 -21.25
C GLY B 46 -7.77 0.01 -19.76
N GLN B 47 -8.38 -1.05 -19.25
CA GLN B 47 -8.17 -1.45 -17.86
C GLN B 47 -6.71 -1.80 -17.61
N GLN B 48 -6.22 -1.38 -16.45
CA GLN B 48 -4.84 -1.68 -16.08
C GLN B 48 -4.66 -3.14 -15.74
N VAL B 49 -3.49 -3.66 -16.11
CA VAL B 49 -2.98 -4.92 -15.62
C VAL B 49 -1.60 -4.66 -15.04
N THR B 50 -1.37 -5.11 -13.80
CA THR B 50 -0.20 -4.71 -13.05
C THR B 50 0.41 -5.93 -12.35
N GLY B 51 1.63 -5.72 -11.83
CA GLY B 51 2.26 -6.69 -10.94
C GLY B 51 2.18 -6.18 -9.52
N TYR B 52 1.66 -7.01 -8.64
CA TYR B 52 1.31 -6.65 -7.27
C TYR B 52 2.00 -7.58 -6.29
N THR B 53 2.76 -7.04 -5.36
CA THR B 53 3.55 -7.94 -4.52
C THR B 53 2.73 -8.55 -3.39
N HIS B 54 1.50 -8.09 -3.17
CA HIS B 54 0.78 -8.67 -2.03
C HIS B 54 -0.26 -9.69 -2.48
N PRO B 55 -0.40 -10.80 -1.77
CA PRO B 55 -1.53 -11.71 -2.05
C PRO B 55 -2.84 -10.96 -1.86
N ASP B 56 -3.78 -11.25 -2.76
CA ASP B 56 -5.03 -10.50 -2.80
C ASP B 56 -6.01 -11.14 -3.76
N PHE B 57 -7.29 -10.92 -3.48
CA PHE B 57 -8.35 -11.37 -4.37
C PHE B 57 -8.19 -10.89 -5.82
N ASN B 58 -7.67 -9.69 -6.04
CA ASN B 58 -7.55 -9.17 -7.39
C ASN B 58 -6.37 -9.77 -8.16
N ASN B 59 -5.69 -10.76 -7.54
CA ASN B 59 -4.69 -11.56 -8.21
C ASN B 59 -5.27 -12.83 -8.82
N GLN B 60 -6.58 -13.05 -8.65
CA GLN B 60 -7.21 -14.29 -9.07
C GLN B 60 -7.66 -14.26 -10.53
N TRP B 61 -7.32 -15.32 -11.26
CA TRP B 61 -7.70 -15.48 -12.66
C TRP B 61 -8.29 -16.88 -12.85
N GLU B 62 -9.38 -16.96 -13.57
CA GLU B 62 -9.95 -18.25 -13.91
C GLU B 62 -9.40 -18.69 -15.26
N VAL B 63 -8.85 -19.90 -15.28
CA VAL B 63 -8.28 -20.49 -16.50
C VAL B 63 -9.40 -21.10 -17.31
N LEU B 64 -9.56 -20.65 -18.55
CA LEU B 64 -10.69 -21.10 -19.36
C LEU B 64 -10.20 -21.71 -20.66
N PRO B 65 -10.96 -22.64 -21.21
CA PRO B 65 -10.60 -23.17 -22.54
C PRO B 65 -11.00 -22.21 -23.64
N PRO B 66 -10.44 -22.37 -24.84
CA PRO B 66 -10.90 -21.59 -25.99
C PRO B 66 -12.32 -21.98 -26.34
N HIS B 67 -12.92 -21.16 -27.21
CA HIS B 67 -14.33 -21.31 -27.57
C HIS B 67 -14.73 -22.71 -28.02
N GLY B 68 -14.07 -23.26 -29.02
CA GLY B 68 -14.52 -24.57 -29.49
C GLY B 68 -13.61 -25.74 -29.17
N SER B 69 -13.28 -25.92 -27.90
CA SER B 69 -12.17 -26.77 -27.49
C SER B 69 -12.62 -28.17 -27.09
N ASP B 70 -11.74 -29.15 -27.35
CA ASP B 70 -11.94 -30.51 -26.89
C ASP B 70 -11.52 -30.72 -25.42
N VAL B 71 -11.13 -29.66 -24.71
CA VAL B 71 -10.85 -29.67 -23.27
C VAL B 71 -12.09 -29.17 -22.52
N GLY B 72 -12.31 -29.72 -21.33
CA GLY B 72 -13.42 -29.34 -20.48
C GLY B 72 -12.99 -29.07 -19.04
N LYS B 73 -14.00 -28.71 -18.22
CA LYS B 73 -13.75 -28.45 -16.81
C LYS B 73 -13.30 -29.74 -16.11
N GLY B 74 -12.51 -29.58 -15.04
CA GLY B 74 -12.05 -30.72 -14.28
C GLY B 74 -11.02 -31.57 -14.97
N GLN B 75 -10.39 -31.02 -16.01
CA GLN B 75 -9.33 -31.66 -16.77
C GLN B 75 -8.08 -30.81 -16.74
N ALA B 76 -6.92 -31.46 -16.77
CA ALA B 76 -5.65 -30.75 -16.56
C ALA B 76 -5.32 -29.81 -17.70
N VAL B 77 -4.75 -28.67 -17.33
CA VAL B 77 -4.13 -27.81 -18.32
C VAL B 77 -2.78 -28.39 -18.70
N LEU B 78 -2.53 -28.52 -19.99
CA LEU B 78 -1.22 -28.99 -20.45
C LEU B 78 -0.42 -27.81 -21.01
N LEU B 79 0.89 -27.87 -20.83
CA LEU B 79 1.76 -26.82 -21.37
C LEU B 79 1.60 -26.68 -22.89
N ASN B 80 1.49 -25.42 -23.33
CA ASN B 80 1.35 -24.93 -24.70
C ASN B 80 -0.04 -25.08 -25.27
N GLN B 81 -1.00 -25.61 -24.52
CA GLN B 81 -2.41 -25.53 -24.90
C GLN B 81 -2.86 -24.08 -24.86
N HIS B 82 -3.80 -23.73 -25.73
CA HIS B 82 -4.38 -22.39 -25.70
C HIS B 82 -5.39 -22.25 -24.57
N ILE B 83 -5.28 -21.13 -23.84
CA ILE B 83 -6.15 -20.81 -22.71
C ILE B 83 -6.56 -19.35 -22.75
N ARG B 84 -7.59 -19.03 -21.96
CA ARG B 84 -8.00 -17.66 -21.71
C ARG B 84 -8.02 -17.44 -20.20
N LEU B 85 -7.83 -16.19 -19.78
CA LEU B 85 -7.75 -15.85 -18.38
C LEU B 85 -8.76 -14.77 -18.07
N ARG B 86 -9.71 -15.11 -17.19
CA ARG B 86 -10.78 -14.21 -16.80
C ARG B 86 -10.41 -13.66 -15.44
N HIS B 87 -10.30 -12.34 -15.34
CA HIS B 87 -10.05 -11.72 -14.04
C HIS B 87 -11.30 -11.85 -13.17
N VAL B 88 -11.19 -12.51 -12.02
CA VAL B 88 -12.39 -12.85 -11.26
C VAL B 88 -13.03 -11.59 -10.67
N ALA B 89 -12.21 -10.71 -10.15
CA ALA B 89 -12.79 -9.59 -9.38
C ALA B 89 -13.53 -8.60 -10.25
N THR B 90 -13.09 -8.41 -11.50
CA THR B 90 -13.74 -7.47 -12.39
C THR B 90 -14.51 -8.13 -13.53
N ASP B 91 -14.43 -9.45 -13.67
CA ASP B 91 -15.15 -10.20 -14.71
C ASP B 91 -14.77 -9.70 -16.10
N THR B 92 -13.47 -9.69 -16.38
CA THR B 92 -12.96 -9.22 -17.67
C THR B 92 -11.93 -10.22 -18.19
N TYR B 93 -11.62 -10.14 -19.48
CA TYR B 93 -10.69 -11.08 -20.09
C TYR B 93 -9.35 -10.43 -20.35
N LEU B 94 -8.27 -11.13 -19.99
CA LEU B 94 -6.93 -10.65 -20.31
C LEU B 94 -6.74 -10.59 -21.82
N LEU B 95 -6.03 -9.53 -22.25
CA LEU B 95 -5.81 -9.27 -23.66
C LEU B 95 -4.50 -8.50 -23.83
N ALA B 96 -3.84 -8.76 -24.93
CA ALA B 96 -2.67 -7.98 -25.34
C ALA B 96 -2.86 -7.56 -26.80
N HIS B 97 -2.16 -6.50 -27.19
CA HIS B 97 -2.30 -5.99 -28.54
C HIS B 97 -1.16 -5.02 -28.83
N ASP B 98 -1.04 -4.68 -30.12
CA ASP B 98 0.06 -3.87 -30.64
C ASP B 98 -0.17 -2.40 -30.30
N VAL B 99 -0.06 -2.11 -29.02
CA VAL B 99 -0.13 -0.77 -28.46
C VAL B 99 1.08 -0.64 -27.54
N ALA B 100 1.81 0.47 -27.65
CA ALA B 100 3.01 0.65 -26.84
C ALA B 100 2.65 0.71 -25.35
N SER B 101 3.42 0.00 -24.54
CA SER B 101 3.17 -0.09 -23.12
C SER B 101 3.55 1.16 -22.37
N PRO B 102 3.16 1.25 -21.10
CA PRO B 102 3.46 2.49 -20.34
C PRO B 102 4.92 2.92 -20.36
N PHE B 103 5.85 2.00 -20.10
CA PHE B 103 7.25 2.37 -19.94
C PHE B 103 8.16 1.95 -21.09
N TYR B 104 7.70 1.07 -21.99
CA TYR B 104 8.54 0.50 -23.03
C TYR B 104 7.86 0.64 -24.38
N PRO B 105 8.23 1.66 -25.16
CA PRO B 105 7.60 1.85 -26.48
C PRO B 105 7.64 0.64 -27.38
N THR B 106 8.62 -0.24 -27.21
CA THR B 106 8.72 -1.44 -28.06
C THR B 106 7.97 -2.66 -27.52
N ASN B 107 7.49 -2.61 -26.28
CA ASN B 107 6.74 -3.72 -25.68
C ASN B 107 5.26 -3.39 -25.69
N GLU B 108 4.45 -4.44 -25.59
CA GLU B 108 3.01 -4.28 -25.82
C GLU B 108 2.24 -4.02 -24.53
N GLU B 109 1.20 -3.21 -24.66
CA GLU B 109 0.27 -2.98 -23.57
C GLU B 109 -0.54 -4.25 -23.28
N ILE B 110 -0.69 -4.55 -22.00
CA ILE B 110 -1.52 -5.65 -21.49
C ILE B 110 -2.73 -5.04 -20.80
N THR B 111 -3.92 -5.51 -21.15
CA THR B 111 -5.13 -4.92 -20.61
C THR B 111 -6.14 -6.05 -20.36
N THR B 112 -7.35 -5.67 -19.95
CA THR B 112 -8.46 -6.63 -19.93
C THR B 112 -9.64 -5.99 -20.66
N VAL B 113 -10.53 -6.82 -21.21
CA VAL B 113 -11.70 -6.32 -21.93
C VAL B 113 -12.94 -6.98 -21.39
N THR B 114 -14.09 -6.35 -21.68
CA THR B 114 -15.36 -6.87 -21.22
C THR B 114 -15.67 -8.19 -21.90
N LEU B 115 -16.58 -8.96 -21.28
CA LEU B 115 -16.97 -10.23 -21.86
C LEU B 115 -17.48 -10.06 -23.29
N GLU B 116 -18.26 -8.98 -23.54
CA GLU B 116 -18.84 -8.78 -24.86
C GLU B 116 -17.75 -8.51 -25.89
N GLU B 117 -16.81 -7.62 -25.54
CA GLU B 117 -15.70 -7.36 -26.44
C GLU B 117 -14.83 -8.59 -26.61
N GLY B 118 -14.55 -9.29 -25.51
CA GLY B 118 -13.61 -10.39 -25.54
C GLY B 118 -14.14 -11.62 -26.24
N ASP B 119 -15.45 -11.79 -26.28
CA ASP B 119 -16.08 -12.88 -27.00
C ASP B 119 -16.45 -12.50 -28.42
N GLY B 120 -16.26 -11.25 -28.80
CA GLY B 120 -16.53 -10.79 -30.13
C GLY B 120 -15.32 -10.51 -30.98
N GLU B 121 -15.25 -9.30 -31.54
CA GLU B 121 -14.21 -9.03 -32.53
C GLU B 121 -12.80 -9.22 -31.96
N LEU B 122 -12.61 -9.00 -30.66
CA LEU B 122 -11.29 -9.10 -30.07
C LEU B 122 -10.93 -10.51 -29.57
N TYR B 123 -11.83 -11.47 -29.72
CA TYR B 123 -11.59 -12.80 -29.16
C TYR B 123 -10.21 -13.35 -29.50
N PRO B 124 -9.76 -13.32 -30.74
CA PRO B 124 -8.44 -13.93 -31.05
C PRO B 124 -7.31 -13.37 -30.19
N GLU B 125 -7.46 -12.13 -29.71
CA GLU B 125 -6.44 -11.51 -28.89
C GLU B 125 -6.51 -11.88 -27.41
N THR B 126 -7.50 -12.67 -26.99
CA THR B 126 -7.60 -13.10 -25.62
C THR B 126 -7.01 -14.48 -25.39
N LEU B 127 -6.35 -15.06 -26.41
CA LEU B 127 -5.80 -16.40 -26.29
C LEU B 127 -4.33 -16.37 -25.84
N PHE B 128 -4.02 -17.16 -24.82
CA PHE B 128 -2.68 -17.26 -24.27
C PHE B 128 -2.26 -18.73 -24.21
N ALA B 129 -1.02 -18.96 -23.80
CA ALA B 129 -0.55 -20.31 -23.54
C ALA B 129 0.38 -20.28 -22.34
N PHE B 130 0.33 -21.34 -21.54
CA PHE B 130 1.38 -21.59 -20.57
C PHE B 130 2.53 -22.23 -21.32
N GLN B 131 3.46 -21.43 -21.78
CA GLN B 131 4.50 -21.93 -22.68
C GLN B 131 5.63 -22.54 -21.85
N PRO B 132 6.02 -23.78 -22.14
CA PRO B 132 7.12 -24.39 -21.38
C PRO B 132 8.44 -23.71 -21.70
N LEU B 133 9.33 -23.68 -20.70
CA LEU B 133 10.63 -23.08 -20.93
C LEU B 133 11.39 -23.87 -21.98
N LYS B 134 11.28 -25.20 -21.95
CA LYS B 134 11.80 -26.10 -22.98
C LYS B 134 10.65 -26.62 -23.83
N LYS B 135 10.75 -26.47 -25.15
CA LYS B 135 9.68 -26.93 -26.02
C LYS B 135 9.38 -28.42 -25.85
N SER B 136 10.35 -29.19 -25.37
CA SER B 136 10.12 -30.62 -25.19
C SER B 136 9.15 -30.92 -24.06
N ASP B 137 8.89 -29.94 -23.17
CA ASP B 137 7.94 -30.13 -22.09
C ASP B 137 6.51 -29.86 -22.52
N GLU B 138 6.29 -29.57 -23.80
CA GLU B 138 4.96 -29.47 -24.35
C GLU B 138 4.14 -30.69 -23.95
N GLY B 139 2.88 -30.45 -23.57
CA GLY B 139 2.00 -31.54 -23.20
C GLY B 139 2.16 -32.04 -21.78
N HIS B 140 3.14 -31.56 -21.03
CA HIS B 140 3.20 -31.91 -19.63
C HIS B 140 2.14 -31.16 -18.84
N VAL B 141 1.76 -31.75 -17.70
CA VAL B 141 0.70 -31.18 -16.88
C VAL B 141 1.20 -29.93 -16.16
N LEU B 142 0.37 -28.89 -16.18
CA LEU B 142 0.69 -27.68 -15.45
C LEU B 142 0.42 -27.91 -13.97
N LYS B 143 1.42 -27.65 -13.14
CA LYS B 143 1.29 -27.81 -11.70
C LYS B 143 1.71 -26.52 -11.00
N SER B 144 1.11 -26.30 -9.84
CA SER B 144 1.47 -25.14 -9.04
C SER B 144 2.86 -25.30 -8.47
N LYS B 145 3.53 -24.15 -8.29
CA LYS B 145 4.76 -24.05 -7.52
C LYS B 145 6.00 -24.60 -8.21
N THR B 146 5.89 -25.72 -8.90
CA THR B 146 7.06 -26.44 -9.38
C THR B 146 7.28 -26.38 -10.89
N VAL B 147 6.36 -25.80 -11.65
CA VAL B 147 6.47 -25.74 -13.10
C VAL B 147 6.61 -24.28 -13.50
N SER B 148 7.74 -23.93 -14.12
CA SER B 148 7.91 -22.60 -14.67
C SER B 148 7.44 -22.54 -16.11
N PHE B 149 6.96 -21.36 -16.51
CA PHE B 149 6.45 -21.19 -17.86
C PHE B 149 6.55 -19.72 -18.21
N ARG B 150 6.39 -19.44 -19.52
CA ARG B 150 6.14 -18.09 -20.02
C ARG B 150 4.65 -17.92 -20.31
N LEU B 151 4.08 -16.77 -19.93
CA LEU B 151 2.70 -16.47 -20.27
C LEU B 151 2.72 -15.83 -21.67
N PHE B 152 2.40 -16.61 -22.68
CA PHE B 152 2.65 -16.28 -24.07
C PHE B 152 1.35 -15.88 -24.75
N HIS B 153 1.36 -14.72 -25.43
CA HIS B 153 0.21 -14.21 -26.16
C HIS B 153 0.23 -14.78 -27.59
N VAL B 154 -0.80 -15.53 -27.94
CA VAL B 154 -0.81 -16.23 -29.23
C VAL B 154 -0.79 -15.24 -30.39
N ASP B 155 -1.65 -14.22 -30.31
CA ASP B 155 -1.87 -13.41 -31.50
C ASP B 155 -0.69 -12.49 -31.85
N THR B 156 0.13 -12.05 -30.87
CA THR B 156 1.26 -11.18 -31.20
C THR B 156 2.61 -11.81 -30.87
N SER B 157 2.64 -13.00 -30.30
CA SER B 157 3.87 -13.73 -29.98
C SER B 157 4.76 -12.97 -28.99
N VAL B 158 4.15 -12.43 -27.97
CA VAL B 158 4.92 -11.81 -26.90
C VAL B 158 4.75 -12.61 -25.62
N ALA B 159 5.70 -12.40 -24.71
CA ALA B 159 5.69 -13.02 -23.38
C ALA B 159 5.49 -11.92 -22.33
N LEU B 160 4.58 -12.18 -21.41
CA LEU B 160 4.28 -11.18 -20.39
C LEU B 160 5.50 -11.05 -19.48
N TRP B 161 5.84 -9.80 -19.18
CA TRP B 161 7.08 -9.43 -18.52
C TRP B 161 6.75 -8.37 -17.49
N THR B 162 7.55 -8.33 -16.43
CA THR B 162 7.43 -7.26 -15.46
C THR B 162 8.80 -6.97 -14.86
N HIS B 163 8.88 -5.91 -14.07
CA HIS B 163 10.16 -5.46 -13.51
C HIS B 163 9.81 -4.58 -12.32
N ASN B 164 10.79 -4.37 -11.43
CA ASN B 164 10.53 -3.53 -10.28
C ASN B 164 11.57 -2.44 -10.06
N ASP B 165 12.41 -2.15 -11.07
CA ASP B 165 13.36 -1.03 -10.96
C ASP B 165 12.67 0.32 -11.12
N GLU B 166 11.55 0.36 -11.82
CA GLU B 166 10.72 1.55 -11.95
C GLU B 166 9.29 1.10 -11.79
N LEU B 167 8.55 1.82 -10.98
CA LEU B 167 7.19 1.45 -10.66
C LEU B 167 6.25 2.40 -11.36
N LEU B 168 5.00 1.97 -11.46
CA LEU B 168 4.00 2.79 -12.14
C LEU B 168 3.78 4.11 -11.41
N PRO B 169 3.28 5.10 -12.10
CA PRO B 169 2.91 6.33 -11.40
C PRO B 169 1.73 6.11 -10.47
N ASP B 170 1.26 7.21 -9.87
CA ASP B 170 0.17 7.16 -8.90
C ASP B 170 -1.12 6.62 -9.49
N TRP B 171 -1.37 6.85 -10.79
CA TRP B 171 -2.60 6.29 -11.36
C TRP B 171 -2.58 4.77 -11.32
N GLY B 172 -1.39 4.17 -11.18
CA GLY B 172 -1.30 2.74 -10.99
C GLY B 172 -0.92 2.26 -9.61
N PHE B 173 -1.07 3.12 -8.62
CA PHE B 173 -0.76 2.82 -7.22
C PHE B 173 0.69 2.37 -7.02
N GLN B 174 1.61 2.82 -7.84
CA GLN B 174 3.01 2.41 -7.73
C GLN B 174 3.17 0.89 -7.73
N GLN B 175 2.29 0.20 -8.47
CA GLN B 175 2.43 -1.23 -8.69
C GLN B 175 3.40 -1.41 -9.86
N GLN B 176 3.74 -2.65 -10.17
CA GLN B 176 4.66 -2.91 -11.28
C GLN B 176 3.96 -2.89 -12.63
N GLU B 177 4.64 -2.31 -13.63
CA GLU B 177 4.19 -2.41 -15.00
C GLU B 177 4.23 -3.88 -15.45
N ILE B 178 3.19 -4.28 -16.19
CA ILE B 178 3.20 -5.54 -16.93
C ILE B 178 3.19 -5.19 -18.41
N ASN B 179 4.02 -5.87 -19.21
CA ASN B 179 3.93 -5.62 -20.64
C ASN B 179 4.36 -6.87 -21.40
N GLY B 180 4.11 -6.82 -22.71
CA GLY B 180 4.48 -7.89 -23.60
C GLY B 180 5.85 -7.76 -24.20
N ASN B 181 6.73 -8.67 -23.83
CA ASN B 181 8.13 -8.69 -24.27
C ASN B 181 8.21 -9.45 -25.59
N LYS B 182 8.73 -8.81 -26.63
CA LYS B 182 8.89 -9.48 -27.93
C LYS B 182 10.10 -10.41 -27.96
N LYS B 183 10.99 -10.33 -26.96
CA LYS B 183 12.07 -11.30 -26.80
C LYS B 183 11.55 -12.38 -25.87
N VAL B 184 11.16 -13.55 -26.44
CA VAL B 184 10.38 -14.52 -25.67
C VAL B 184 11.27 -15.32 -24.73
N ILE B 185 12.45 -15.73 -25.18
CA ILE B 185 13.34 -16.56 -24.36
C ILE B 185 14.22 -15.63 -23.53
N ASP B 186 13.83 -15.44 -22.29
CA ASP B 186 14.49 -14.53 -21.36
C ASP B 186 14.02 -14.96 -19.98
N PRO B 187 14.92 -15.21 -19.03
CA PRO B 187 14.49 -15.71 -17.72
C PRO B 187 13.57 -14.74 -17.01
N SER B 188 13.65 -13.44 -17.34
CA SER B 188 12.73 -12.50 -16.72
C SER B 188 11.30 -12.66 -17.21
N ASN B 189 11.05 -13.55 -18.18
CA ASN B 189 9.69 -13.84 -18.63
C ASN B 189 9.11 -15.03 -17.90
N ASN B 190 9.76 -15.50 -16.85
CA ASN B 190 9.38 -16.74 -16.19
C ASN B 190 8.40 -16.47 -15.04
N TRP B 191 7.33 -17.25 -15.02
CA TRP B 191 6.28 -17.20 -14.02
C TRP B 191 6.01 -18.62 -13.52
N VAL B 192 5.31 -18.70 -12.38
CA VAL B 192 4.78 -19.95 -11.84
C VAL B 192 3.36 -19.69 -11.38
N VAL B 193 2.57 -20.75 -11.28
CA VAL B 193 1.31 -20.68 -10.56
C VAL B 193 1.57 -20.83 -9.07
N ASP B 194 1.21 -19.81 -8.30
CA ASP B 194 1.53 -19.85 -6.87
C ASP B 194 0.50 -20.67 -6.10
N GLU B 195 -0.78 -20.39 -6.32
CA GLU B 195 -1.80 -21.14 -5.59
C GLU B 195 -3.02 -21.37 -6.50
N ILE B 196 -3.73 -22.44 -6.19
CA ILE B 196 -5.03 -22.77 -6.77
C ILE B 196 -6.11 -22.53 -5.73
N VAL B 197 -7.05 -21.63 -6.05
CA VAL B 197 -8.08 -21.25 -5.09
C VAL B 197 -9.32 -22.14 -5.20
N ASP C 5 -22.11 -3.53 0.46
CA ASP C 5 -21.91 -4.02 -0.90
C ASP C 5 -23.09 -3.50 -1.66
N SER C 6 -24.14 -3.12 -0.92
CA SER C 6 -25.41 -2.71 -1.51
C SER C 6 -25.10 -2.09 -2.87
N LYS C 7 -24.19 -1.11 -2.93
CA LYS C 7 -23.87 -0.47 -4.20
C LYS C 7 -22.46 0.07 -4.28
N THR C 8 -21.95 0.11 -5.51
CA THR C 8 -20.65 0.70 -5.79
C THR C 8 -20.79 2.21 -5.78
N VAL C 9 -19.82 2.88 -5.15
CA VAL C 9 -19.77 4.34 -5.12
C VAL C 9 -18.99 4.83 -6.33
N ASN C 10 -19.60 5.69 -7.11
CA ASN C 10 -18.92 6.26 -8.26
C ASN C 10 -18.57 7.70 -7.99
N TYR C 11 -17.56 8.18 -8.70
CA TYR C 11 -17.27 9.61 -8.65
C TYR C 11 -18.50 10.43 -8.98
N PHE C 12 -18.65 11.54 -8.26
CA PHE C 12 -19.77 12.48 -8.33
C PHE C 12 -21.02 11.95 -7.67
N ASP C 13 -20.96 10.75 -7.06
CA ASP C 13 -22.07 10.30 -6.23
C ASP C 13 -22.14 11.16 -4.98
N ILE C 14 -23.34 11.25 -4.40
CA ILE C 14 -23.55 11.86 -3.09
C ILE C 14 -23.69 10.75 -2.07
N ILE C 15 -22.93 10.83 -0.99
CA ILE C 15 -22.88 9.76 -0.01
C ILE C 15 -23.04 10.31 1.41
N THR C 16 -23.37 9.41 2.32
CA THR C 16 -23.29 9.66 3.75
C THR C 16 -22.22 8.72 4.30
N ILE C 17 -21.50 9.20 5.32
CA ILE C 17 -20.30 8.54 5.80
C ILE C 17 -20.46 8.38 7.31
N LYS C 18 -20.41 7.14 7.77
CA LYS C 18 -20.87 6.81 9.12
C LYS C 18 -19.72 6.15 9.89
N HIS C 19 -19.51 6.60 11.12
CA HIS C 19 -18.46 6.05 11.98
C HIS C 19 -18.89 4.73 12.60
N GLN C 20 -18.02 3.72 12.55
CA GLN C 20 -18.48 2.40 13.00
C GLN C 20 -18.71 2.33 14.51
N ASP C 21 -17.83 2.91 15.31
CA ASP C 21 -17.93 2.77 16.75
C ASP C 21 -19.02 3.60 17.41
N THR C 22 -19.34 4.77 16.86
CA THR C 22 -20.33 5.65 17.49
C THR C 22 -21.61 5.78 16.70
N ASP C 23 -21.65 5.29 15.45
CA ASP C 23 -22.78 5.44 14.54
C ASP C 23 -23.03 6.88 14.12
N ALA C 24 -22.10 7.79 14.36
CA ALA C 24 -22.31 9.18 13.97
C ALA C 24 -21.94 9.38 12.50
N PHE C 25 -22.69 10.26 11.85
CA PHE C 25 -22.41 10.65 10.48
C PHE C 25 -21.44 11.82 10.44
N LEU C 26 -20.54 11.81 9.45
CA LEU C 26 -19.72 12.97 9.16
C LEU C 26 -20.65 14.10 8.72
N HIS C 27 -20.58 15.24 9.42
CA HIS C 27 -21.62 16.27 9.37
C HIS C 27 -20.94 17.63 9.33
N SER C 28 -21.62 18.57 8.69
CA SER C 28 -21.17 19.96 8.72
C SER C 28 -22.39 20.86 8.63
N HIS C 29 -22.16 22.14 8.91
CA HIS C 29 -23.20 23.17 8.99
C HIS C 29 -22.50 24.53 9.01
N LEU C 30 -23.30 25.60 9.06
CA LEU C 30 -22.71 26.93 8.93
C LEU C 30 -21.97 27.40 10.18
N ALA C 31 -22.28 26.86 11.37
CA ALA C 31 -21.61 27.32 12.57
C ALA C 31 -20.10 27.10 12.50
N ARG C 32 -19.35 27.98 13.19
CA ARG C 32 -17.90 28.05 13.12
C ARG C 32 -17.28 27.66 14.45
N TYR C 33 -16.03 27.20 14.41
CA TYR C 33 -15.31 27.01 15.67
C TYR C 33 -15.12 28.34 16.39
N PRO C 34 -15.21 28.37 17.73
CA PRO C 34 -14.90 29.62 18.45
C PRO C 34 -13.45 29.99 18.20
N GLN C 35 -13.18 31.31 18.16
CA GLN C 35 -11.83 31.79 17.90
C GLN C 35 -10.86 31.26 18.94
N ARG C 36 -11.30 31.18 20.20
CA ARG C 36 -10.45 30.69 21.28
C ARG C 36 -11.16 29.61 22.09
N TYR C 37 -10.42 28.59 22.52
CA TYR C 37 -10.93 27.61 23.46
C TYR C 37 -10.65 28.06 24.88
N GLU C 38 -11.28 27.39 25.85
CA GLU C 38 -11.17 27.83 27.24
C GLU C 38 -9.72 27.85 27.70
N ASP C 39 -8.88 26.95 27.17
CA ASP C 39 -7.48 26.91 27.57
C ASP C 39 -6.60 27.94 26.85
N GLY C 40 -7.21 28.82 26.04
CA GLY C 40 -6.48 29.88 25.38
C GLY C 40 -6.00 29.54 23.99
N ARG C 41 -6.03 28.27 23.59
CA ARG C 41 -5.60 27.90 22.25
C ARG C 41 -6.48 28.59 21.20
N ILE C 42 -5.90 28.79 20.03
CA ILE C 42 -6.53 29.52 18.94
C ILE C 42 -6.93 28.51 17.86
N SER C 43 -8.20 28.54 17.45
CA SER C 43 -8.62 27.75 16.30
C SER C 43 -8.49 28.56 15.01
N SER C 44 -8.89 27.96 13.89
CA SER C 44 -8.97 28.67 12.62
C SER C 44 -10.26 29.47 12.47
N ALA C 45 -11.20 29.32 13.40
CA ALA C 45 -12.52 29.92 13.29
C ALA C 45 -13.26 29.41 12.04
N GLY C 46 -12.85 28.25 11.52
CA GLY C 46 -13.43 27.74 10.31
C GLY C 46 -14.78 27.08 10.55
N GLN C 47 -15.40 26.65 9.44
CA GLN C 47 -16.67 25.95 9.54
C GLN C 47 -16.50 24.64 10.30
N GLN C 48 -17.43 24.37 11.22
CA GLN C 48 -17.36 23.16 12.01
C GLN C 48 -17.60 21.93 11.15
N VAL C 49 -16.89 20.85 11.51
CA VAL C 49 -17.19 19.51 11.04
C VAL C 49 -17.40 18.66 12.27
N THR C 50 -18.52 17.94 12.31
CA THR C 50 -18.93 17.26 13.53
C THR C 50 -19.44 15.86 13.21
N GLY C 51 -19.66 15.09 14.25
CA GLY C 51 -20.37 13.83 14.17
C GLY C 51 -21.79 13.99 14.69
N TYR C 52 -22.75 13.59 13.85
CA TYR C 52 -24.19 13.82 14.06
C TYR C 52 -24.90 12.49 13.93
N THR C 53 -25.63 12.09 14.96
CA THR C 53 -26.20 10.74 14.94
C THR C 53 -27.50 10.62 14.16
N HIS C 54 -28.12 11.71 13.74
CA HIS C 54 -29.44 11.61 13.13
C HIS C 54 -29.33 11.76 11.61
N PRO C 55 -30.16 11.05 10.83
CA PRO C 55 -30.18 11.28 9.38
C PRO C 55 -30.52 12.73 9.09
N ASP C 56 -29.86 13.31 8.10
CA ASP C 56 -30.02 14.73 7.83
C ASP C 56 -29.38 15.12 6.51
N PHE C 57 -29.97 16.13 5.86
CA PHE C 57 -29.42 16.66 4.61
C PHE C 57 -27.96 17.09 4.78
N ASN C 58 -27.61 17.60 5.96
CA ASN C 58 -26.25 18.08 6.17
C ASN C 58 -25.26 16.96 6.41
N ASN C 59 -25.67 15.70 6.28
CA ASN C 59 -24.73 14.58 6.26
C ASN C 59 -24.25 14.22 4.85
N GLN C 60 -24.72 14.91 3.81
CA GLN C 60 -24.44 14.50 2.42
C GLN C 60 -23.14 15.14 1.94
N TRP C 61 -22.29 14.31 1.32
CA TRP C 61 -21.01 14.70 0.76
C TRP C 61 -20.93 14.18 -0.67
N GLU C 62 -20.48 15.04 -1.59
CA GLU C 62 -20.21 14.60 -2.95
C GLU C 62 -18.75 14.19 -3.12
N VAL C 63 -18.53 12.99 -3.64
CA VAL C 63 -17.18 12.48 -3.86
C VAL C 63 -16.69 12.97 -5.21
N LEU C 64 -15.54 13.67 -5.19
CA LEU C 64 -14.99 14.33 -6.36
C LEU C 64 -13.58 13.84 -6.63
N PRO C 65 -13.16 13.83 -7.90
CA PRO C 65 -11.80 13.47 -8.25
C PRO C 65 -10.85 14.64 -8.04
N PRO C 66 -9.54 14.40 -8.06
CA PRO C 66 -8.58 15.51 -7.98
C PRO C 66 -8.63 16.35 -9.26
N HIS C 67 -8.01 17.52 -9.17
CA HIS C 67 -7.84 18.39 -10.33
C HIS C 67 -7.11 17.63 -11.43
N GLY C 68 -7.49 17.88 -12.67
CA GLY C 68 -6.85 17.28 -13.84
C GLY C 68 -7.03 15.79 -13.97
N SER C 69 -8.24 15.30 -13.71
CA SER C 69 -8.45 13.86 -13.60
C SER C 69 -8.85 13.23 -14.92
N ASP C 70 -9.78 13.84 -15.66
CA ASP C 70 -10.38 13.28 -16.87
C ASP C 70 -11.43 12.23 -16.52
N VAL C 71 -11.89 12.16 -15.27
CA VAL C 71 -12.92 11.22 -14.86
C VAL C 71 -14.30 11.77 -15.19
N GLY C 72 -15.20 10.87 -15.52
CA GLY C 72 -16.56 11.23 -15.84
C GLY C 72 -17.56 10.42 -15.05
N LYS C 73 -18.81 10.41 -15.50
CA LYS C 73 -19.84 9.66 -14.80
C LYS C 73 -19.57 8.16 -14.90
N GLY C 74 -20.08 7.41 -13.91
CA GLY C 74 -20.12 5.97 -14.03
C GLY C 74 -18.81 5.27 -13.77
N GLN C 75 -17.88 5.92 -13.07
CA GLN C 75 -16.57 5.33 -12.82
C GLN C 75 -16.46 5.11 -11.32
N ALA C 76 -16.06 3.91 -10.93
CA ALA C 76 -16.04 3.56 -9.50
C ALA C 76 -14.92 4.28 -8.75
N VAL C 77 -15.21 4.69 -7.53
CA VAL C 77 -14.16 5.14 -6.61
C VAL C 77 -13.45 3.89 -6.07
N LEU C 78 -12.11 3.89 -6.14
CA LEU C 78 -11.29 2.80 -5.64
C LEU C 78 -10.58 3.21 -4.35
N LEU C 79 -10.40 2.21 -3.48
CA LEU C 79 -9.69 2.43 -2.23
C LEU C 79 -8.25 2.86 -2.51
N ASN C 80 -7.82 3.89 -1.80
CA ASN C 80 -6.53 4.53 -1.84
C ASN C 80 -6.34 5.48 -3.00
N GLN C 81 -7.33 5.67 -3.88
CA GLN C 81 -7.29 6.81 -4.80
C GLN C 81 -7.50 8.13 -4.04
N HIS C 82 -6.85 9.19 -4.50
CA HIS C 82 -7.01 10.51 -3.92
C HIS C 82 -8.35 11.08 -4.36
N ILE C 83 -9.10 11.59 -3.40
CA ILE C 83 -10.44 12.12 -3.66
C ILE C 83 -10.60 13.42 -2.88
N ARG C 84 -11.68 14.15 -3.22
CA ARG C 84 -12.11 15.31 -2.47
C ARG C 84 -13.57 15.10 -2.11
N LEU C 85 -14.00 15.74 -1.02
CA LEU C 85 -15.38 15.62 -0.53
C LEU C 85 -15.98 17.01 -0.40
N ARG C 86 -17.05 17.26 -1.14
CA ARG C 86 -17.75 18.53 -1.13
C ARG C 86 -19.00 18.39 -0.27
N HIS C 87 -19.14 19.25 0.73
CA HIS C 87 -20.34 19.24 1.56
C HIS C 87 -21.51 19.79 0.76
N VAL C 88 -22.57 18.98 0.60
CA VAL C 88 -23.62 19.35 -0.34
C VAL C 88 -24.41 20.53 0.17
N ALA C 89 -24.74 20.55 1.46
CA ALA C 89 -25.68 21.55 1.93
C ALA C 89 -25.08 22.95 1.96
N THR C 90 -23.77 23.06 2.23
CA THR C 90 -23.12 24.38 2.27
C THR C 90 -22.19 24.62 1.09
N ASP C 91 -22.00 23.64 0.21
CA ASP C 91 -21.13 23.80 -0.96
C ASP C 91 -19.71 24.24 -0.59
N THR C 92 -19.10 23.44 0.26
CA THR C 92 -17.75 23.65 0.75
C THR C 92 -17.00 22.33 0.71
N TYR C 93 -15.67 22.41 0.73
CA TYR C 93 -14.77 21.27 0.58
C TYR C 93 -14.12 20.94 1.92
N LEU C 94 -14.10 19.65 2.26
CA LEU C 94 -13.44 19.20 3.47
C LEU C 94 -11.94 19.45 3.45
N LEU C 95 -11.42 19.81 4.61
CA LEU C 95 -10.01 20.14 4.71
C LEU C 95 -9.51 19.84 6.11
N ALA C 96 -8.25 19.40 6.17
CA ALA C 96 -7.54 19.22 7.43
C ALA C 96 -6.23 19.98 7.33
N HIS C 97 -5.72 20.39 8.49
CA HIS C 97 -4.48 21.15 8.53
C HIS C 97 -3.93 21.13 9.95
N ASP C 98 -2.68 21.56 10.08
CA ASP C 98 -1.96 21.52 11.36
C ASP C 98 -2.43 22.65 12.30
N VAL C 99 -3.64 22.47 12.81
CA VAL C 99 -4.24 23.35 13.79
C VAL C 99 -4.82 22.47 14.89
N ALA C 100 -4.55 22.82 16.15
CA ALA C 100 -5.01 21.97 17.24
C ALA C 100 -6.53 21.91 17.26
N SER C 101 -7.08 20.69 17.43
CA SER C 101 -8.52 20.47 17.41
C SER C 101 -9.17 20.98 18.69
N PRO C 102 -10.51 20.98 18.75
CA PRO C 102 -11.17 21.52 19.95
C PRO C 102 -10.75 20.87 21.26
N PHE C 103 -10.72 19.54 21.34
CA PHE C 103 -10.47 18.86 22.60
C PHE C 103 -9.10 18.16 22.70
N TYR C 104 -8.39 17.98 21.60
CA TYR C 104 -7.15 17.20 21.59
C TYR C 104 -6.05 18.02 20.94
N PRO C 105 -5.23 18.71 21.73
CA PRO C 105 -4.18 19.55 21.17
C PRO C 105 -3.25 18.81 20.21
N THR C 106 -3.15 17.49 20.36
CA THR C 106 -2.26 16.74 19.49
C THR C 106 -2.93 16.33 18.19
N ASN C 107 -4.25 16.45 18.06
CA ASN C 107 -4.96 16.04 16.85
C ASN C 107 -5.35 17.26 16.05
N GLU C 108 -5.57 17.06 14.76
CA GLU C 108 -5.77 18.17 13.86
C GLU C 108 -7.24 18.59 13.75
N GLU C 109 -7.44 19.90 13.61
CA GLU C 109 -8.75 20.44 13.32
C GLU C 109 -9.21 20.08 11.91
N ILE C 110 -10.48 19.69 11.79
CA ILE C 110 -11.08 19.36 10.50
C ILE C 110 -12.14 20.42 10.20
N THR C 111 -12.14 20.94 8.97
CA THR C 111 -13.05 22.02 8.62
C THR C 111 -13.46 21.83 7.17
N THR C 112 -14.22 22.80 6.65
CA THR C 112 -14.51 22.91 5.23
C THR C 112 -14.13 24.31 4.77
N VAL C 113 -13.89 24.45 3.46
CA VAL C 113 -13.54 25.74 2.87
C VAL C 113 -14.38 25.96 1.62
N THR C 114 -14.47 27.21 1.20
CA THR C 114 -15.25 27.52 0.01
C THR C 114 -14.56 26.98 -1.25
N LEU C 115 -15.30 26.98 -2.36
CA LEU C 115 -14.75 26.52 -3.63
C LEU C 115 -13.48 27.29 -4.00
N GLU C 116 -13.49 28.62 -3.85
CA GLU C 116 -12.33 29.44 -4.19
C GLU C 116 -11.17 29.14 -3.26
N GLU C 117 -11.43 29.08 -1.95
CA GLU C 117 -10.35 28.76 -1.03
C GLU C 117 -9.78 27.40 -1.35
N GLY C 118 -10.65 26.44 -1.62
CA GLY C 118 -10.25 25.07 -1.83
C GLY C 118 -9.55 24.77 -3.13
N ASP C 119 -9.78 25.57 -4.15
CA ASP C 119 -9.10 25.34 -5.42
C ASP C 119 -7.83 26.14 -5.60
N GLY C 120 -7.50 27.03 -4.66
CA GLY C 120 -6.27 27.77 -4.79
C GLY C 120 -5.15 27.30 -3.88
N GLU C 121 -4.54 28.19 -3.11
CA GLU C 121 -3.32 27.81 -2.41
C GLU C 121 -3.55 26.60 -1.51
N LEU C 122 -4.77 26.43 -1.01
CA LEU C 122 -5.02 25.35 -0.06
C LEU C 122 -5.42 24.02 -0.73
N TYR C 123 -5.46 23.96 -2.06
CA TYR C 123 -5.94 22.75 -2.74
C TYR C 123 -5.30 21.48 -2.20
N PRO C 124 -3.99 21.37 -2.05
CA PRO C 124 -3.41 20.09 -1.60
C PRO C 124 -3.99 19.60 -0.29
N GLU C 125 -4.48 20.50 0.55
CA GLU C 125 -5.01 20.14 1.86
C GLU C 125 -6.46 19.65 1.76
N THR C 126 -7.05 19.62 0.56
CA THR C 126 -8.40 19.11 0.36
C THR C 126 -8.41 17.68 -0.16
N LEU C 127 -7.23 17.04 -0.26
CA LEU C 127 -7.11 15.70 -0.81
C LEU C 127 -7.14 14.64 0.29
N PHE C 128 -8.01 13.65 0.13
CA PHE C 128 -8.17 12.57 1.08
C PHE C 128 -8.07 11.27 0.30
N ALA C 129 -8.09 10.16 1.02
CA ALA C 129 -8.22 8.85 0.43
C ALA C 129 -9.19 8.02 1.27
N PHE C 130 -10.00 7.18 0.62
CA PHE C 130 -10.67 6.11 1.37
C PHE C 130 -9.59 5.05 1.58
N GLN C 131 -8.88 5.10 2.71
CA GLN C 131 -7.73 4.22 2.89
C GLN C 131 -8.16 2.85 3.40
N PRO C 132 -7.83 1.74 2.71
CA PRO C 132 -8.26 0.43 3.19
C PRO C 132 -7.58 0.06 4.50
N LEU C 133 -8.28 -0.71 5.32
CA LEU C 133 -7.66 -1.17 6.56
C LEU C 133 -6.48 -2.10 6.28
N LYS C 134 -6.59 -2.94 5.24
CA LYS C 134 -5.48 -3.77 4.77
C LYS C 134 -4.98 -3.15 3.47
N LYS C 135 -3.68 -2.80 3.41
CA LYS C 135 -3.17 -2.15 2.21
C LYS C 135 -3.30 -3.03 0.99
N SER C 136 -3.38 -4.34 1.16
CA SER C 136 -3.54 -5.19 -0.01
C SER C 136 -4.88 -4.99 -0.72
N ASP C 137 -5.83 -4.31 -0.07
CA ASP C 137 -7.11 -4.03 -0.69
C ASP C 137 -7.09 -2.74 -1.52
N GLU C 138 -5.95 -2.07 -1.66
CA GLU C 138 -5.93 -0.88 -2.49
C GLU C 138 -6.38 -1.23 -3.93
N GLY C 139 -7.13 -0.32 -4.53
CA GLY C 139 -7.66 -0.54 -5.86
C GLY C 139 -8.96 -1.31 -5.91
N HIS C 140 -9.41 -1.86 -4.79
CA HIS C 140 -10.73 -2.44 -4.74
C HIS C 140 -11.81 -1.34 -4.76
N VAL C 141 -13.01 -1.72 -5.18
CA VAL C 141 -14.11 -0.78 -5.33
C VAL C 141 -14.61 -0.35 -3.96
N LEU C 142 -14.90 0.96 -3.82
CA LEU C 142 -15.62 1.45 -2.65
C LEU C 142 -17.08 1.09 -2.82
N LYS C 143 -17.61 0.33 -1.87
CA LYS C 143 -19.01 -0.05 -1.85
C LYS C 143 -19.65 0.43 -0.54
N SER C 144 -20.94 0.73 -0.61
CA SER C 144 -21.67 1.08 0.61
C SER C 144 -21.79 -0.10 1.57
N LYS C 145 -21.76 0.22 2.88
CA LYS C 145 -22.14 -0.64 3.99
C LYS C 145 -21.05 -1.67 4.32
N THR C 146 -20.43 -2.28 3.32
CA THR C 146 -19.63 -3.48 3.57
C THR C 146 -18.13 -3.22 3.53
N VAL C 147 -17.69 -2.03 3.14
CA VAL C 147 -16.26 -1.74 3.04
C VAL C 147 -15.92 -0.71 4.12
N SER C 148 -15.09 -1.09 5.08
CA SER C 148 -14.62 -0.18 6.11
C SER C 148 -13.35 0.50 5.59
N PHE C 149 -13.13 1.73 6.03
CA PHE C 149 -11.99 2.50 5.57
C PHE C 149 -11.64 3.54 6.62
N ARG C 150 -10.43 4.08 6.48
CA ARG C 150 -10.03 5.29 7.18
C ARG C 150 -10.14 6.47 6.21
N LEU C 151 -10.66 7.60 6.70
CA LEU C 151 -10.67 8.83 5.89
C LEU C 151 -9.32 9.49 6.15
N PHE C 152 -8.38 9.30 5.23
CA PHE C 152 -6.98 9.65 5.43
C PHE C 152 -6.65 10.93 4.68
N HIS C 153 -6.01 11.84 5.39
CA HIS C 153 -5.61 13.10 4.81
C HIS C 153 -4.24 12.99 4.18
N VAL C 154 -4.18 13.21 2.87
CA VAL C 154 -2.93 12.99 2.16
C VAL C 154 -1.84 13.94 2.66
N ASP C 155 -2.16 15.21 2.91
CA ASP C 155 -1.07 16.17 3.17
C ASP C 155 -0.45 16.00 4.55
N THR C 156 -1.24 15.65 5.57
CA THR C 156 -0.71 15.55 6.92
C THR C 156 -0.73 14.15 7.51
N SER C 157 -1.21 13.17 6.78
CA SER C 157 -1.18 11.77 7.19
C SER C 157 -1.92 11.51 8.50
N VAL C 158 -3.09 12.11 8.65
CA VAL C 158 -3.97 11.83 9.77
C VAL C 158 -5.20 11.08 9.26
N ALA C 159 -5.86 10.38 10.17
CA ALA C 159 -7.12 9.72 9.93
C ALA C 159 -8.21 10.41 10.74
N LEU C 160 -9.35 10.64 10.12
CA LEU C 160 -10.45 11.26 10.84
C LEU C 160 -11.00 10.34 11.94
N TRP C 161 -11.24 10.93 13.10
CA TRP C 161 -11.55 10.24 14.33
C TRP C 161 -12.68 10.98 15.01
N THR C 162 -13.52 10.23 15.72
CA THR C 162 -14.55 10.80 16.56
C THR C 162 -14.78 9.89 17.77
N HIS C 163 -15.60 10.37 18.69
CA HIS C 163 -15.87 9.72 19.96
C HIS C 163 -17.14 10.32 20.54
N ASN C 164 -17.74 9.61 21.52
CA ASN C 164 -18.96 10.08 22.16
C ASN C 164 -18.86 10.02 23.68
N ASP C 165 -17.66 9.86 24.21
CA ASP C 165 -17.48 9.92 25.67
C ASP C 165 -17.64 11.34 26.18
N GLU C 166 -17.25 12.32 25.36
CA GLU C 166 -17.42 13.73 25.64
C GLU C 166 -17.94 14.36 24.35
N LEU C 167 -18.93 15.22 24.46
CA LEU C 167 -19.51 15.90 23.31
C LEU C 167 -19.06 17.36 23.29
N LEU C 168 -19.21 17.99 22.12
CA LEU C 168 -18.83 19.38 21.96
C LEU C 168 -19.67 20.25 22.89
N PRO C 169 -19.20 21.45 23.19
CA PRO C 169 -20.00 22.37 24.02
C PRO C 169 -21.23 22.91 23.31
N ASP C 170 -21.92 23.87 23.94
CA ASP C 170 -23.14 24.38 23.35
C ASP C 170 -22.88 25.00 21.97
N TRP C 171 -21.69 25.57 21.75
CA TRP C 171 -21.42 26.13 20.43
C TRP C 171 -21.32 25.06 19.33
N GLY C 172 -21.13 23.80 19.72
CA GLY C 172 -21.17 22.68 18.79
C GLY C 172 -22.43 21.85 18.92
N PHE C 173 -23.45 22.35 19.63
CA PHE C 173 -24.75 21.71 19.78
C PHE C 173 -24.67 20.30 20.35
N GLN C 174 -23.66 20.04 21.18
CA GLN C 174 -23.46 18.71 21.78
C GLN C 174 -23.33 17.63 20.70
N GLN C 175 -22.78 17.97 19.54
CA GLN C 175 -22.46 16.99 18.51
C GLN C 175 -21.09 16.42 18.84
N GLN C 176 -20.69 15.35 18.12
CA GLN C 176 -19.40 14.74 18.39
C GLN C 176 -18.29 15.57 17.73
N GLU C 177 -17.21 15.77 18.47
CA GLU C 177 -15.99 16.32 17.92
C GLU C 177 -15.43 15.37 16.85
N ILE C 178 -15.01 15.95 15.73
CA ILE C 178 -14.23 15.25 14.71
C ILE C 178 -12.84 15.88 14.69
N ASN C 179 -11.80 15.03 14.60
CA ASN C 179 -10.44 15.57 14.49
C ASN C 179 -9.57 14.57 13.76
N GLY C 180 -8.41 15.06 13.38
CA GLY C 180 -7.43 14.25 12.69
C GLY C 180 -6.47 13.57 13.65
N ASN C 181 -6.55 12.25 13.70
CA ASN C 181 -5.74 11.39 14.57
C ASN C 181 -4.44 11.06 13.86
N LYS C 182 -3.30 11.36 14.49
CA LYS C 182 -2.01 11.05 13.87
C LYS C 182 -1.64 9.58 13.99
N LYS C 183 -2.27 8.84 14.87
CA LYS C 183 -2.10 7.39 14.97
C LYS C 183 -3.15 6.76 14.04
N VAL C 184 -2.73 6.33 12.86
CA VAL C 184 -3.67 5.95 11.80
C VAL C 184 -4.28 4.60 12.11
N ILE C 185 -3.56 3.71 12.77
CA ILE C 185 -4.00 2.35 13.03
C ILE C 185 -4.76 2.42 14.35
N ASP C 186 -6.07 2.52 14.29
CA ASP C 186 -6.90 2.60 15.52
C ASP C 186 -8.32 2.30 15.06
N PRO C 187 -9.00 1.33 15.69
CA PRO C 187 -10.34 0.96 15.21
C PRO C 187 -11.32 2.11 15.26
N SER C 188 -11.09 3.08 16.15
CA SER C 188 -11.92 4.28 16.20
C SER C 188 -11.68 5.21 15.03
N ASN C 189 -10.79 4.85 14.10
CA ASN C 189 -10.65 5.64 12.89
C ASN C 189 -11.46 5.07 11.73
N ASN C 190 -12.31 4.07 11.99
CA ASN C 190 -12.96 3.29 10.94
C ASN C 190 -14.35 3.85 10.64
N TRP C 191 -14.62 4.01 9.36
CA TRP C 191 -15.88 4.51 8.82
C TRP C 191 -16.36 3.59 7.70
N VAL C 192 -17.64 3.76 7.34
CA VAL C 192 -18.25 3.12 6.21
C VAL C 192 -19.05 4.18 5.47
N VAL C 193 -19.30 3.92 4.20
CA VAL C 193 -20.30 4.65 3.43
C VAL C 193 -21.66 4.06 3.79
N ASP C 194 -22.53 4.88 4.34
CA ASP C 194 -23.80 4.33 4.84
C ASP C 194 -24.81 4.17 3.72
N GLU C 195 -24.91 5.18 2.86
CA GLU C 195 -25.84 5.06 1.74
C GLU C 195 -25.37 5.97 0.62
N ILE C 196 -25.86 5.65 -0.58
CA ILE C 196 -25.63 6.45 -1.77
C ILE C 196 -26.98 7.11 -2.02
N VAL C 197 -27.01 8.45 -2.06
CA VAL C 197 -28.27 9.18 -2.16
C VAL C 197 -28.71 9.30 -3.61
N LYS D 6 20.15 -13.26 -2.69
CA LYS D 6 20.78 -14.50 -3.27
C LYS D 6 22.25 -14.56 -2.89
N THR D 7 23.00 -13.48 -3.09
CA THR D 7 24.41 -13.49 -2.73
C THR D 7 24.51 -13.41 -1.20
N SER D 8 25.14 -14.41 -0.57
CA SER D 8 25.31 -14.36 0.87
C SER D 8 26.37 -13.34 1.27
N THR D 9 26.35 -12.95 2.55
CA THR D 9 27.42 -12.11 3.07
C THR D 9 28.74 -12.90 3.10
N ASN D 10 29.86 -12.17 3.05
CA ASN D 10 31.18 -12.76 3.19
C ASN D 10 32.26 -11.71 3.01
N LYS E 6 -3.62 3.36 -29.20
CA LYS E 6 -3.39 4.12 -30.46
C LYS E 6 -1.94 3.98 -30.92
N THR E 7 -0.97 4.41 -30.11
CA THR E 7 0.43 4.36 -30.52
C THR E 7 0.88 2.90 -30.61
N SER E 8 1.37 2.48 -31.77
CA SER E 8 1.73 1.07 -31.93
C SER E 8 3.09 0.78 -31.28
N THR E 9 3.28 -0.48 -30.89
CA THR E 9 4.54 -0.90 -30.29
C THR E 9 5.64 -1.13 -31.35
N LYS F 6 -4.67 29.35 14.50
CA LYS F 6 -3.28 29.80 14.76
C LYS F 6 -2.51 28.71 15.51
N THR F 7 -3.13 28.14 16.53
CA THR F 7 -2.44 27.18 17.38
C THR F 7 -2.18 25.88 16.63
N SER F 8 -0.90 25.55 16.45
CA SER F 8 -0.53 24.27 15.85
C SER F 8 -0.75 23.13 16.84
N THR F 9 -0.78 21.91 16.30
CA THR F 9 -0.83 20.73 17.14
C THR F 9 0.49 20.57 17.91
N ASN F 10 0.40 19.99 19.11
CA ASN F 10 1.59 19.71 19.91
C ASN F 10 1.22 19.21 21.30
C1 PEG G . 10.53 10.96 -0.38
O1 PEG G . 10.09 12.07 0.37
C2 PEG G . 11.51 11.38 -1.45
O2 PEG G . 10.96 11.16 -2.75
C3 PEG G . 11.39 9.96 -3.33
C4 PEG G . 10.82 9.82 -4.71
O4 PEG G . 9.68 9.00 -4.71
H11 PEG G . 9.78 10.51 -0.80
H12 PEG G . 10.96 10.30 0.20
HO1 PEG G . 10.77 12.40 0.76
H21 PEG G . 12.33 10.88 -1.32
H22 PEG G . 11.72 12.31 -1.31
H31 PEG G . 11.11 9.20 -2.79
H32 PEG G . 12.36 9.93 -3.37
H41 PEG G . 11.52 9.48 -5.28
H42 PEG G . 10.63 10.72 -5.04
HO4 PEG G . 9.12 9.32 -4.15
C1 GOL H . -32.51 20.05 10.86
O1 GOL H . -32.48 19.10 9.81
C2 GOL H . -31.13 20.68 11.05
O2 GOL H . -31.13 21.29 12.33
C3 GOL H . -30.05 19.62 10.86
O3 GOL H . -28.77 20.13 11.25
H11 GOL H . -32.77 19.63 11.70
H12 GOL H . -33.15 20.75 10.68
HO1 GOL H . -32.16 18.37 10.12
H2 GOL H . -30.96 21.35 10.37
HO2 GOL H . -30.32 21.49 12.51
H31 GOL H . -30.04 19.36 9.93
H32 GOL H . -30.28 18.84 11.38
HO3 GOL H . -28.21 19.47 11.24
#